data_2F6N
#
_entry.id   2F6N
#
_cell.length_a   85.144
_cell.length_b   144.894
_cell.length_c   38.315
_cell.angle_alpha   90.00
_cell.angle_beta   90.00
_cell.angle_gamma   90.00
#
_symmetry.space_group_name_H-M   'P 21 21 2'
#
loop_
_entity.id
_entity.type
_entity.pdbx_description
1 polymer 'bromodomain PHD finger transcription factor'
2 non-polymer 'ZINC ION'
3 water water
#
_entity_poly.entity_id   1
_entity_poly.type   'polypeptide(L)'
_entity_poly.pdbx_seq_one_letter_code
;GPLGSDTKLYCICKTPYDESKFYIGCDRCQNWYHGRCVGILQSEAELIDEYVCPQCQSTEDA(MSE)TVLTPLTEKDYEG
LKRVLRSLQAHK(MSE)AWPFLEPVDPNDAPDYYGVIKEP(MSE)DLAT(MSE)EERVQRRYYEKLTEFVAD(MSE)TKI
FDNCRYYNPSDSPFYQCAEVLESFFVQKLKGFKA
;
_entity_poly.pdbx_strand_id   A,B
#
# COMPACT_ATOMS: atom_id res chain seq x y z
N LYS A 8 16.08 17.27 2.42
CA LYS A 8 17.07 16.66 1.49
C LYS A 8 16.52 16.51 0.08
N LEU A 9 17.25 15.78 -0.77
CA LEU A 9 16.83 15.57 -2.14
C LEU A 9 16.60 14.10 -2.44
N TYR A 10 15.45 13.79 -3.03
CA TYR A 10 15.11 12.40 -3.35
C TYR A 10 15.01 12.17 -4.84
N CYS A 11 14.93 10.89 -5.21
CA CYS A 11 14.77 10.44 -6.59
C CYS A 11 15.94 10.71 -7.51
N ILE A 12 15.86 10.14 -8.71
CA ILE A 12 16.89 10.31 -9.74
C ILE A 12 16.94 11.79 -10.10
N CYS A 13 15.77 12.43 -10.13
CA CYS A 13 15.67 13.84 -10.49
C CYS A 13 16.17 14.81 -9.42
N LYS A 14 16.63 14.26 -8.29
CA LYS A 14 17.18 15.04 -7.19
C LYS A 14 16.36 16.29 -6.86
N THR A 15 15.17 16.07 -6.32
CA THR A 15 14.27 17.18 -5.98
C THR A 15 13.71 17.06 -4.56
N PRO A 16 13.25 18.18 -4.00
CA PRO A 16 12.68 18.20 -2.65
C PRO A 16 11.43 17.32 -2.62
N TYR A 17 11.16 16.69 -1.50
CA TYR A 17 9.98 15.83 -1.39
C TYR A 17 8.70 16.63 -1.58
N ASP A 18 7.83 16.14 -2.46
CA ASP A 18 6.56 16.78 -2.75
C ASP A 18 5.41 15.90 -2.23
N GLU A 19 4.77 16.34 -1.16
CA GLU A 19 3.66 15.62 -0.53
C GLU A 19 2.54 15.20 -1.48
N SER A 20 2.37 15.94 -2.57
CA SER A 20 1.29 15.62 -3.53
C SER A 20 1.69 14.63 -4.62
N LYS A 21 2.95 14.24 -4.66
CA LYS A 21 3.43 13.32 -5.69
C LYS A 21 3.49 11.87 -5.22
N PHE A 22 3.33 10.94 -6.16
CA PHE A 22 3.41 9.53 -5.84
C PHE A 22 4.87 9.08 -5.78
N TYR A 23 5.23 8.41 -4.71
CA TYR A 23 6.59 7.91 -4.53
C TYR A 23 6.60 6.42 -4.21
N ILE A 24 7.70 5.76 -4.55
CA ILE A 24 7.86 4.34 -4.24
C ILE A 24 9.24 4.24 -3.60
N GLY A 25 9.34 3.50 -2.49
CA GLY A 25 10.61 3.37 -1.80
C GLY A 25 11.41 2.12 -2.12
N CYS A 26 12.73 2.26 -2.11
CA CYS A 26 13.63 1.14 -2.38
C CYS A 26 13.97 0.43 -1.07
N ASP A 27 13.76 -0.88 -1.03
CA ASP A 27 14.06 -1.66 0.16
C ASP A 27 15.56 -1.67 0.51
N ARG A 28 16.41 -1.62 -0.52
CA ARG A 28 17.86 -1.66 -0.31
C ARG A 28 18.47 -0.36 0.22
N CYS A 29 18.29 0.74 -0.51
CA CYS A 29 18.88 2.01 -0.10
C CYS A 29 17.94 2.92 0.73
N GLN A 30 16.67 2.56 0.77
CA GLN A 30 15.67 3.32 1.53
C GLN A 30 15.39 4.73 1.00
N ASN A 31 15.79 4.98 -0.24
CA ASN A 31 15.57 6.28 -0.89
C ASN A 31 14.16 6.24 -1.50
N TRP A 32 13.55 7.41 -1.68
CA TRP A 32 12.21 7.49 -2.28
C TRP A 32 12.32 7.96 -3.72
N TYR A 33 11.50 7.41 -4.61
CA TYR A 33 11.52 7.79 -6.02
C TYR A 33 10.13 8.04 -6.60
N HIS A 34 10.03 9.05 -7.47
CA HIS A 34 8.75 9.35 -8.13
C HIS A 34 8.48 8.11 -8.97
N GLY A 35 7.27 7.58 -8.90
CA GLY A 35 6.95 6.40 -9.67
C GLY A 35 7.35 6.48 -11.13
N ARG A 36 6.98 7.58 -11.78
CA ARG A 36 7.27 7.79 -13.18
C ARG A 36 8.77 7.85 -13.47
N CYS A 37 9.54 8.41 -12.56
CA CYS A 37 10.98 8.52 -12.74
C CYS A 37 11.69 7.15 -12.81
N VAL A 38 11.09 6.12 -12.21
CA VAL A 38 11.71 4.80 -12.23
C VAL A 38 10.94 3.83 -13.11
N GLY A 39 10.01 4.36 -13.89
CA GLY A 39 9.24 3.53 -14.80
C GLY A 39 8.22 2.62 -14.14
N ILE A 40 7.63 3.06 -13.03
CA ILE A 40 6.64 2.24 -12.34
C ILE A 40 5.31 2.93 -12.16
N LEU A 41 4.26 2.32 -12.70
CA LEU A 41 2.92 2.87 -12.59
C LEU A 41 2.37 2.48 -11.23
N GLN A 42 1.50 3.31 -10.68
CA GLN A 42 0.92 3.02 -9.38
C GLN A 42 0.21 1.67 -9.36
N SER A 43 -0.53 1.36 -10.43
CA SER A 43 -1.23 0.09 -10.50
C SER A 43 -0.24 -1.06 -10.36
N GLU A 44 0.96 -0.86 -10.91
CA GLU A 44 2.00 -1.87 -10.85
C GLU A 44 2.60 -1.94 -9.45
N ALA A 45 2.78 -0.78 -8.84
CA ALA A 45 3.36 -0.69 -7.50
C ALA A 45 2.56 -1.49 -6.47
N GLU A 46 1.23 -1.41 -6.55
CA GLU A 46 0.39 -2.12 -5.60
C GLU A 46 0.57 -3.63 -5.67
N LEU A 47 0.97 -4.13 -6.83
CA LEU A 47 1.15 -5.56 -7.02
C LEU A 47 2.51 -6.09 -6.56
N ILE A 48 3.33 -5.24 -5.94
CA ILE A 48 4.64 -5.68 -5.49
C ILE A 48 4.91 -5.50 -4.00
N ASP A 49 5.57 -6.48 -3.41
CA ASP A 49 5.92 -6.46 -1.99
C ASP A 49 7.15 -5.61 -1.76
N GLU A 50 8.20 -6.01 -2.46
CA GLU A 50 9.50 -5.37 -2.37
C GLU A 50 9.81 -4.56 -3.62
N TYR A 51 10.76 -3.64 -3.51
CA TYR A 51 11.17 -2.84 -4.65
C TYR A 51 12.65 -2.49 -4.53
N VAL A 52 13.35 -2.63 -5.66
CA VAL A 52 14.78 -2.34 -5.75
C VAL A 52 14.95 -1.32 -6.88
N CYS A 53 15.38 -0.11 -6.54
CA CYS A 53 15.56 0.94 -7.54
C CYS A 53 16.62 0.58 -8.59
N PRO A 54 16.60 1.29 -9.74
CA PRO A 54 17.54 1.04 -10.82
C PRO A 54 19.01 1.03 -10.40
N GLN A 55 19.41 2.00 -9.59
CA GLN A 55 20.78 2.09 -9.12
C GLN A 55 21.21 0.87 -8.31
N CYS A 56 20.39 0.49 -7.33
CA CYS A 56 20.69 -0.66 -6.50
C CYS A 56 20.67 -1.95 -7.31
N GLN A 57 19.72 -2.07 -8.24
CA GLN A 57 19.66 -3.27 -9.06
C GLN A 57 20.94 -3.38 -9.87
N SER A 58 21.40 -2.24 -10.36
CA SER A 58 22.63 -2.17 -11.13
C SER A 58 23.79 -2.68 -10.28
N THR A 59 23.82 -2.29 -9.01
CA THR A 59 24.88 -2.73 -8.12
C THR A 59 24.76 -4.22 -7.81
N GLU A 60 23.53 -4.70 -7.65
CA GLU A 60 23.37 -6.12 -7.38
C GLU A 60 23.83 -6.92 -8.60
N ASP A 61 23.49 -6.45 -9.80
CA ASP A 61 23.91 -7.15 -11.01
C ASP A 61 25.43 -7.25 -11.10
N ALA A 62 26.11 -6.13 -10.83
CA ALA A 62 27.57 -6.11 -10.88
C ALA A 62 28.25 -6.98 -9.83
N THR A 64 27.29 -9.73 -8.52
CA THR A 64 27.03 -11.17 -8.64
C THR A 64 28.32 -11.98 -8.80
N VAL A 65 29.29 -11.43 -9.53
CA VAL A 65 30.54 -12.16 -9.75
C VAL A 65 31.53 -12.06 -8.58
N LEU A 66 31.24 -11.17 -7.63
CA LEU A 66 32.11 -10.96 -6.47
C LEU A 66 31.66 -11.59 -5.16
N THR A 67 30.38 -11.89 -5.04
CA THR A 67 29.84 -12.49 -3.83
C THR A 67 30.33 -13.92 -3.63
N PRO A 68 30.32 -14.41 -2.37
CA PRO A 68 30.77 -15.77 -2.08
C PRO A 68 29.93 -16.79 -2.82
N LEU A 69 30.54 -17.88 -3.28
CA LEU A 69 29.81 -18.91 -3.97
C LEU A 69 29.14 -19.82 -2.92
N THR A 70 27.83 -19.97 -3.03
CA THR A 70 27.08 -20.80 -2.09
C THR A 70 27.03 -22.25 -2.60
N GLU A 71 26.54 -23.15 -1.77
CA GLU A 71 26.44 -24.55 -2.18
C GLU A 71 25.54 -24.61 -3.39
N LYS A 72 24.51 -23.77 -3.37
CA LYS A 72 23.55 -23.69 -4.46
C LYS A 72 24.29 -23.25 -5.73
N ASP A 73 25.17 -22.27 -5.60
CA ASP A 73 25.93 -21.78 -6.76
C ASP A 73 26.77 -22.91 -7.32
N TYR A 74 27.39 -23.69 -6.44
CA TYR A 74 28.23 -24.78 -6.91
C TYR A 74 27.44 -25.78 -7.73
N GLU A 75 26.17 -25.96 -7.41
CA GLU A 75 25.32 -26.85 -8.20
C GLU A 75 25.30 -26.29 -9.60
N GLY A 76 25.07 -24.97 -9.66
CA GLY A 76 25.01 -24.29 -10.92
C GLY A 76 26.30 -24.39 -11.70
N LEU A 77 27.44 -24.35 -11.01
CA LEU A 77 28.73 -24.45 -11.69
C LEU A 77 28.80 -25.81 -12.39
N LYS A 78 28.38 -26.85 -11.69
CA LYS A 78 28.39 -28.20 -12.25
C LYS A 78 27.48 -28.23 -13.48
N ARG A 79 26.31 -27.60 -13.37
CA ARG A 79 25.35 -27.58 -14.48
C ARG A 79 25.92 -26.87 -15.70
N VAL A 80 26.52 -25.71 -15.49
CA VAL A 80 27.11 -24.94 -16.58
C VAL A 80 28.26 -25.72 -17.22
N LEU A 81 29.14 -26.25 -16.38
CA LEU A 81 30.28 -27.01 -16.87
C LEU A 81 29.83 -28.22 -17.70
N ARG A 82 28.83 -28.95 -17.20
CA ARG A 82 28.33 -30.10 -17.92
C ARG A 82 27.77 -29.72 -19.29
N SER A 83 27.11 -28.58 -19.38
CA SER A 83 26.54 -28.14 -20.65
C SER A 83 27.68 -27.80 -21.62
N LEU A 84 28.77 -27.23 -21.09
CA LEU A 84 29.92 -26.91 -21.93
C LEU A 84 30.61 -28.19 -22.40
N GLN A 85 30.81 -29.14 -21.48
CA GLN A 85 31.47 -30.40 -21.82
C GLN A 85 30.69 -31.22 -22.82
N ALA A 86 29.37 -31.03 -22.87
CA ALA A 86 28.53 -31.78 -23.80
C ALA A 86 28.30 -31.06 -25.13
N HIS A 87 28.77 -29.83 -25.24
CA HIS A 87 28.59 -29.02 -26.44
C HIS A 87 29.40 -29.58 -27.62
N LYS A 88 28.83 -29.51 -28.83
CA LYS A 88 29.52 -30.03 -30.01
C LYS A 88 30.87 -29.39 -30.29
N ALA A 90 32.97 -28.16 -28.10
CA ALA A 90 33.91 -28.23 -27.00
C ALA A 90 34.96 -29.33 -27.08
N TRP A 91 34.91 -30.14 -28.14
CA TRP A 91 35.87 -31.24 -28.26
C TRP A 91 37.35 -30.87 -28.08
N PRO A 92 37.77 -29.67 -28.54
CA PRO A 92 39.19 -29.37 -28.33
C PRO A 92 39.58 -28.89 -26.92
N PHE A 93 38.59 -28.69 -26.05
CA PHE A 93 38.87 -28.17 -24.71
C PHE A 93 38.51 -29.11 -23.56
N LEU A 94 38.13 -30.35 -23.87
CA LEU A 94 37.75 -31.32 -22.84
C LEU A 94 38.89 -31.76 -21.93
N GLU A 95 40.11 -31.77 -22.46
CA GLU A 95 41.28 -32.19 -21.69
C GLU A 95 42.46 -31.27 -21.94
N PRO A 96 43.48 -31.33 -21.06
CA PRO A 96 44.67 -30.50 -21.22
C PRO A 96 45.35 -30.86 -22.54
N VAL A 97 46.05 -29.91 -23.16
CA VAL A 97 46.74 -30.21 -24.40
C VAL A 97 47.85 -31.22 -24.13
N ASP A 98 48.03 -32.16 -25.05
CA ASP A 98 49.06 -33.17 -24.93
C ASP A 98 50.29 -32.63 -25.66
N PRO A 99 51.40 -32.46 -24.94
CA PRO A 99 52.63 -31.94 -25.54
C PRO A 99 53.02 -32.61 -26.86
N ASN A 100 52.75 -33.90 -26.97
CA ASN A 100 53.11 -34.63 -28.19
C ASN A 100 52.36 -34.12 -29.43
N ASP A 101 51.14 -33.63 -29.25
CA ASP A 101 50.36 -33.12 -30.36
C ASP A 101 50.76 -31.69 -30.72
N ALA A 102 51.35 -31.00 -29.77
CA ALA A 102 51.79 -29.61 -29.97
C ALA A 102 52.98 -29.37 -29.06
N PRO A 103 54.19 -29.73 -29.53
CA PRO A 103 55.44 -29.58 -28.78
C PRO A 103 55.70 -28.20 -28.20
N ASP A 104 55.29 -27.15 -28.91
CA ASP A 104 55.52 -25.77 -28.49
C ASP A 104 54.45 -25.19 -27.57
N TYR A 105 53.34 -25.90 -27.42
CA TYR A 105 52.23 -25.39 -26.63
C TYR A 105 52.53 -24.83 -25.24
N TYR A 106 53.05 -25.66 -24.35
CA TYR A 106 53.35 -25.22 -22.99
C TYR A 106 54.49 -24.23 -22.88
N GLY A 107 55.11 -23.93 -24.01
CA GLY A 107 56.20 -22.97 -24.02
C GLY A 107 55.69 -21.62 -24.47
N VAL A 108 54.53 -21.62 -25.13
CA VAL A 108 53.93 -20.38 -25.63
C VAL A 108 52.71 -19.93 -24.82
N ILE A 109 51.99 -20.88 -24.25
CA ILE A 109 50.81 -20.56 -23.44
C ILE A 109 51.21 -20.56 -21.97
N LYS A 110 51.20 -19.38 -21.36
CA LYS A 110 51.60 -19.23 -19.97
C LYS A 110 50.62 -19.76 -18.92
N GLU A 111 49.32 -19.71 -19.22
CA GLU A 111 48.35 -20.21 -18.26
C GLU A 111 47.36 -21.14 -18.95
N PRO A 112 47.78 -22.38 -19.23
CA PRO A 112 46.86 -23.33 -19.89
C PRO A 112 45.67 -23.68 -19.00
N ASP A 114 41.64 -26.06 -19.20
CA ASP A 114 40.74 -26.93 -19.94
C ASP A 114 39.57 -27.30 -19.04
N LEU A 115 38.51 -27.85 -19.64
CA LEU A 115 37.30 -28.22 -18.92
C LEU A 115 37.47 -29.32 -17.87
N ALA A 116 38.41 -30.25 -18.07
CA ALA A 116 38.61 -31.31 -17.09
C ALA A 116 39.23 -30.71 -15.84
N THR A 117 40.21 -29.84 -16.04
CA THR A 117 40.88 -29.18 -14.94
C THR A 117 39.86 -28.34 -14.16
N GLU A 119 36.63 -28.94 -14.00
CA GLU A 119 35.72 -29.87 -13.33
C GLU A 119 36.35 -30.32 -12.00
N GLU A 120 37.66 -30.49 -12.02
CA GLU A 120 38.38 -30.92 -10.82
C GLU A 120 38.42 -29.80 -9.80
N ARG A 121 38.59 -28.57 -10.28
CA ARG A 121 38.62 -27.41 -9.39
C ARG A 121 37.27 -27.24 -8.71
N VAL A 122 36.20 -27.58 -9.42
CA VAL A 122 34.87 -27.47 -8.85
C VAL A 122 34.74 -28.55 -7.78
N GLN A 123 35.22 -29.75 -8.10
CA GLN A 123 35.17 -30.87 -7.16
C GLN A 123 35.99 -30.53 -5.91
N ARG A 124 37.08 -29.80 -6.10
CA ARG A 124 37.95 -29.41 -4.98
C ARG A 124 37.41 -28.17 -4.26
N ARG A 125 36.31 -27.60 -4.75
CA ARG A 125 35.75 -26.39 -4.16
C ARG A 125 36.79 -25.27 -4.17
N TYR A 126 37.56 -25.24 -5.25
CA TYR A 126 38.62 -24.26 -5.43
C TYR A 126 38.14 -22.83 -5.70
N TYR A 127 36.98 -22.67 -6.31
CA TYR A 127 36.45 -21.33 -6.59
C TYR A 127 35.69 -20.76 -5.39
N GLU A 128 35.85 -19.47 -5.14
CA GLU A 128 35.16 -18.81 -4.04
C GLU A 128 34.26 -17.69 -4.55
N LYS A 129 34.57 -17.22 -5.76
CA LYS A 129 33.81 -16.15 -6.41
C LYS A 129 33.54 -16.55 -7.85
N LEU A 130 32.34 -16.23 -8.34
CA LEU A 130 32.00 -16.56 -9.73
C LEU A 130 33.06 -16.04 -10.69
N THR A 131 33.55 -14.83 -10.42
CA THR A 131 34.55 -14.21 -11.28
C THR A 131 35.79 -15.09 -11.51
N GLU A 132 36.16 -15.90 -10.53
CA GLU A 132 37.32 -16.77 -10.66
C GLU A 132 37.02 -17.91 -11.64
N PHE A 133 35.78 -18.39 -11.61
CA PHE A 133 35.34 -19.47 -12.49
C PHE A 133 35.29 -18.91 -13.91
N VAL A 134 34.79 -17.69 -14.06
CA VAL A 134 34.71 -17.06 -15.37
C VAL A 134 36.11 -16.81 -15.93
N ALA A 135 37.04 -16.43 -15.05
CA ALA A 135 38.41 -16.17 -15.49
C ALA A 135 39.05 -17.44 -16.07
N ASP A 136 38.82 -18.58 -15.42
CA ASP A 136 39.38 -19.83 -15.93
C ASP A 136 38.75 -20.19 -17.28
N THR A 138 37.54 -18.20 -19.43
CA THR A 138 38.09 -17.26 -20.40
C THR A 138 39.54 -17.60 -20.80
N LYS A 139 40.30 -18.27 -19.93
CA LYS A 139 41.68 -18.67 -20.29
C LYS A 139 41.56 -19.64 -21.46
N ILE A 140 40.64 -20.58 -21.33
CA ILE A 140 40.43 -21.59 -22.35
C ILE A 140 40.26 -20.95 -23.73
N PHE A 141 39.33 -20.00 -23.81
CA PHE A 141 39.04 -19.34 -25.08
C PHE A 141 40.16 -18.42 -25.56
N ASP A 142 40.66 -17.57 -24.68
CA ASP A 142 41.73 -16.65 -25.07
C ASP A 142 42.98 -17.41 -25.52
N ASN A 143 43.31 -18.48 -24.81
CA ASN A 143 44.50 -19.28 -25.18
C ASN A 143 44.34 -19.84 -26.59
N CYS A 144 43.18 -20.43 -26.85
CA CYS A 144 42.90 -21.00 -28.15
C CYS A 144 42.98 -19.97 -29.28
N ARG A 145 42.34 -18.83 -29.08
CA ARG A 145 42.36 -17.78 -30.09
C ARG A 145 43.74 -17.19 -30.29
N TYR A 146 44.60 -17.31 -29.27
CA TYR A 146 45.95 -16.78 -29.40
C TYR A 146 46.82 -17.75 -30.22
N TYR A 147 46.71 -19.02 -29.87
CA TYR A 147 47.48 -20.08 -30.51
C TYR A 147 47.09 -20.41 -31.95
N ASN A 148 45.82 -20.24 -32.29
CA ASN A 148 45.32 -20.57 -33.62
C ASN A 148 44.88 -19.36 -34.46
N PRO A 149 44.97 -19.46 -35.80
CA PRO A 149 44.56 -18.37 -36.69
C PRO A 149 43.03 -18.30 -36.70
N SER A 150 42.47 -17.15 -37.04
CA SER A 150 41.02 -16.96 -37.02
C SER A 150 40.22 -17.88 -37.95
N ASP A 151 40.86 -18.41 -38.98
CA ASP A 151 40.16 -19.28 -39.91
C ASP A 151 40.21 -20.75 -39.49
N SER A 152 40.88 -21.02 -38.38
CA SER A 152 41.01 -22.38 -37.89
C SER A 152 39.72 -22.83 -37.19
N PRO A 153 39.33 -24.10 -37.37
CA PRO A 153 38.10 -24.56 -36.71
C PRO A 153 38.27 -24.48 -35.19
N PHE A 154 39.51 -24.58 -34.72
CA PHE A 154 39.78 -24.49 -33.28
C PHE A 154 39.41 -23.11 -32.77
N TYR A 155 39.80 -22.09 -33.53
CA TYR A 155 39.53 -20.70 -33.17
C TYR A 155 38.00 -20.49 -33.17
N GLN A 156 37.34 -20.99 -34.21
CA GLN A 156 35.89 -20.83 -34.31
C GLN A 156 35.15 -21.56 -33.21
N CYS A 157 35.67 -22.71 -32.78
CA CYS A 157 35.04 -23.46 -31.69
C CYS A 157 35.08 -22.59 -30.43
N ALA A 158 36.19 -21.89 -30.23
CA ALA A 158 36.33 -21.04 -29.05
C ALA A 158 35.31 -19.90 -29.10
N GLU A 159 35.17 -19.29 -30.28
CA GLU A 159 34.23 -18.19 -30.47
C GLU A 159 32.81 -18.66 -30.15
N VAL A 160 32.41 -19.78 -30.73
CA VAL A 160 31.08 -20.33 -30.52
C VAL A 160 30.82 -20.73 -29.06
N LEU A 161 31.77 -21.43 -28.45
CA LEU A 161 31.57 -21.86 -27.06
C LEU A 161 31.52 -20.69 -26.10
N GLU A 162 32.29 -19.64 -26.38
CA GLU A 162 32.27 -18.49 -25.49
C GLU A 162 30.94 -17.75 -25.53
N SER A 163 30.31 -17.67 -26.70
CA SER A 163 29.01 -16.99 -26.76
C SER A 163 27.95 -17.88 -26.13
N PHE A 164 28.14 -19.19 -26.22
CA PHE A 164 27.22 -20.14 -25.60
C PHE A 164 27.37 -19.99 -24.08
N PHE A 165 28.61 -19.93 -23.62
CA PHE A 165 28.92 -19.79 -22.19
C PHE A 165 28.33 -18.51 -21.60
N VAL A 166 28.53 -17.40 -22.30
CA VAL A 166 28.01 -16.12 -21.85
C VAL A 166 26.51 -16.20 -21.64
N GLN A 167 25.81 -16.83 -22.58
CA GLN A 167 24.36 -16.97 -22.46
C GLN A 167 24.00 -17.87 -21.29
N LYS A 168 24.71 -19.00 -21.17
CA LYS A 168 24.46 -19.95 -20.07
C LYS A 168 24.62 -19.33 -18.70
N LEU A 169 25.44 -18.28 -18.64
CA LEU A 169 25.71 -17.60 -17.38
C LEU A 169 24.60 -16.66 -16.91
N LYS A 170 23.73 -16.24 -17.82
CA LYS A 170 22.65 -15.35 -17.47
C LYS A 170 21.72 -15.93 -16.39
N GLY A 171 21.44 -15.12 -15.37
CA GLY A 171 20.57 -15.57 -14.30
C GLY A 171 21.17 -16.67 -13.44
N PHE A 172 22.49 -16.81 -13.48
CA PHE A 172 23.18 -17.83 -12.71
C PHE A 172 22.83 -17.79 -11.22
N LYS A 173 23.03 -16.64 -10.61
CA LYS A 173 22.73 -16.47 -9.20
C LYS A 173 22.07 -15.12 -8.96
N LYS B 8 -13.33 9.66 -17.10
CA LYS B 8 -13.22 9.14 -15.69
C LYS B 8 -12.70 10.25 -14.77
N LEU B 9 -13.59 10.90 -14.05
CA LEU B 9 -13.20 11.97 -13.14
C LEU B 9 -13.17 11.48 -11.69
N TYR B 10 -11.99 11.44 -11.10
CA TYR B 10 -11.86 10.98 -9.73
C TYR B 10 -11.78 12.09 -8.70
N CYS B 11 -11.80 11.69 -7.43
CA CYS B 11 -11.68 12.61 -6.31
C CYS B 11 -12.83 13.61 -6.18
N ILE B 12 -12.81 14.36 -5.08
CA ILE B 12 -13.81 15.37 -4.81
C ILE B 12 -13.71 16.45 -5.88
N CYS B 13 -12.48 16.74 -6.31
CA CYS B 13 -12.24 17.76 -7.33
C CYS B 13 -12.66 17.33 -8.73
N LYS B 14 -13.10 16.08 -8.85
CA LYS B 14 -13.56 15.55 -10.13
C LYS B 14 -12.62 15.82 -11.30
N THR B 15 -11.44 15.20 -11.27
CA THR B 15 -10.44 15.39 -12.32
C THR B 15 -9.92 14.06 -12.85
N PRO B 16 -9.38 14.05 -14.07
CA PRO B 16 -8.85 12.83 -14.66
C PRO B 16 -7.70 12.32 -13.78
N TYR B 17 -7.43 11.02 -13.81
CA TYR B 17 -6.36 10.47 -12.99
C TYR B 17 -4.99 10.95 -13.48
N ASP B 18 -4.18 11.43 -12.55
CA ASP B 18 -2.83 11.92 -12.83
C ASP B 18 -1.82 10.93 -12.24
N GLU B 19 -1.19 10.15 -13.10
CA GLU B 19 -0.23 9.14 -12.69
C GLU B 19 0.88 9.64 -11.75
N SER B 20 1.12 10.95 -11.71
CA SER B 20 2.18 11.48 -10.86
C SER B 20 1.73 11.93 -9.47
N LYS B 21 0.42 12.00 -9.26
CA LYS B 21 -0.12 12.44 -7.98
C LYS B 21 -0.39 11.32 -7.00
N PHE B 22 -0.33 11.64 -5.71
CA PHE B 22 -0.60 10.67 -4.66
C PHE B 22 -2.10 10.63 -4.39
N TYR B 23 -2.67 9.43 -4.40
CA TYR B 23 -4.10 9.24 -4.15
C TYR B 23 -4.31 8.21 -3.05
N ILE B 24 -5.46 8.27 -2.39
CA ILE B 24 -5.82 7.29 -1.38
C ILE B 24 -7.14 6.70 -1.87
N GLY B 25 -7.22 5.37 -1.90
CA GLY B 25 -8.42 4.74 -2.38
C GLY B 25 -9.46 4.39 -1.32
N CYS B 26 -10.73 4.48 -1.72
CA CYS B 26 -11.83 4.14 -0.83
C CYS B 26 -12.42 2.85 -1.38
N ASP B 27 -12.23 1.75 -0.65
CA ASP B 27 -12.74 0.46 -1.09
C ASP B 27 -14.24 0.46 -1.39
N ARG B 28 -15.01 1.08 -0.50
CA ARG B 28 -16.47 1.12 -0.67
C ARG B 28 -16.95 1.60 -2.03
N CYS B 29 -16.62 2.84 -2.38
CA CYS B 29 -17.06 3.42 -3.64
C CYS B 29 -16.07 3.21 -4.78
N GLN B 30 -14.87 2.73 -4.46
CA GLN B 30 -13.84 2.49 -5.47
C GLN B 30 -13.35 3.77 -6.15
N ASN B 31 -13.46 4.90 -5.46
CA ASN B 31 -13.00 6.18 -6.00
C ASN B 31 -11.61 6.42 -5.43
N TRP B 32 -10.91 7.41 -5.98
CA TRP B 32 -9.57 7.74 -5.50
C TRP B 32 -9.52 9.23 -5.19
N TYR B 33 -8.82 9.59 -4.11
CA TYR B 33 -8.75 10.99 -3.72
C TYR B 33 -7.33 11.52 -3.52
N HIS B 34 -7.08 12.73 -3.99
CA HIS B 34 -5.76 13.35 -3.81
C HIS B 34 -5.66 13.53 -2.30
N GLY B 35 -4.57 13.06 -1.71
CA GLY B 35 -4.42 13.20 -0.27
C GLY B 35 -4.65 14.63 0.18
N ARG B 36 -4.30 15.57 -0.70
CA ARG B 36 -4.46 16.98 -0.41
C ARG B 36 -5.92 17.42 -0.39
N CYS B 37 -6.74 16.81 -1.24
CA CYS B 37 -8.16 17.15 -1.30
C CYS B 37 -8.94 16.71 -0.07
N VAL B 38 -8.53 15.59 0.53
CA VAL B 38 -9.20 15.10 1.74
C VAL B 38 -8.38 15.44 2.98
N GLY B 39 -7.29 16.15 2.78
CA GLY B 39 -6.44 16.56 3.89
C GLY B 39 -5.73 15.45 4.63
N ILE B 40 -5.33 14.40 3.91
CA ILE B 40 -4.64 13.28 4.54
C ILE B 40 -3.21 13.18 4.03
N LEU B 41 -2.25 13.35 4.94
CA LEU B 41 -0.84 13.27 4.57
C LEU B 41 -0.46 11.83 4.27
N GLN B 42 0.52 11.65 3.39
CA GLN B 42 0.95 10.32 3.01
C GLN B 42 1.39 9.51 4.23
N SER B 43 2.08 10.17 5.17
CA SER B 43 2.53 9.49 6.37
C SER B 43 1.33 8.98 7.16
N GLU B 44 0.29 9.79 7.22
CA GLU B 44 -0.93 9.43 7.95
C GLU B 44 -1.69 8.33 7.24
N ALA B 45 -1.69 8.40 5.90
CA ALA B 45 -2.38 7.42 5.08
C ALA B 45 -1.95 5.98 5.37
N GLU B 46 -0.66 5.80 5.67
CA GLU B 46 -0.15 4.47 5.96
C GLU B 46 -0.74 3.93 7.26
N LEU B 47 -1.03 4.85 8.19
CA LEU B 47 -1.57 4.51 9.49
C LEU B 47 -3.03 4.01 9.48
N ILE B 48 -3.67 4.07 8.32
CA ILE B 48 -5.06 3.62 8.22
C ILE B 48 -5.19 2.39 7.33
N ASP B 49 -5.96 1.40 7.79
CA ASP B 49 -6.16 0.17 7.05
C ASP B 49 -7.27 0.27 6.00
N GLU B 50 -8.48 0.59 6.44
CA GLU B 50 -9.62 0.70 5.53
C GLU B 50 -10.15 2.13 5.47
N TYR B 51 -9.63 2.90 4.52
CA TYR B 51 -10.06 4.28 4.36
C TYR B 51 -11.49 4.36 3.81
N VAL B 52 -12.29 5.23 4.42
CA VAL B 52 -13.67 5.44 4.00
C VAL B 52 -13.77 6.93 3.68
N CYS B 53 -13.93 7.26 2.41
CA CYS B 53 -14.02 8.67 2.00
C CYS B 53 -15.13 9.42 2.72
N PRO B 54 -15.05 10.76 2.72
CA PRO B 54 -16.05 11.63 3.36
C PRO B 54 -17.48 11.37 2.90
N GLN B 55 -17.67 11.28 1.58
CA GLN B 55 -18.99 11.04 1.04
C GLN B 55 -19.55 9.72 1.56
N CYS B 56 -18.73 8.66 1.50
CA CYS B 56 -19.15 7.36 1.98
C CYS B 56 -19.48 7.39 3.47
N GLN B 57 -18.67 8.11 4.25
CA GLN B 57 -18.90 8.21 5.68
C GLN B 57 -20.20 8.98 5.95
N SER B 58 -20.42 10.04 5.18
CA SER B 58 -21.63 10.84 5.34
C SER B 58 -22.88 10.02 5.04
N THR B 59 -22.86 9.31 3.92
CA THR B 59 -23.99 8.48 3.53
C THR B 59 -24.22 7.41 4.58
N GLU B 60 -23.13 6.81 5.05
CA GLU B 60 -23.24 5.77 6.05
C GLU B 60 -23.93 6.28 7.31
N ASP B 61 -23.52 7.45 7.78
CA ASP B 61 -24.11 8.03 8.98
C ASP B 61 -25.58 8.40 8.76
N ALA B 62 -25.88 8.93 7.59
CA ALA B 62 -27.24 9.32 7.25
C ALA B 62 -28.12 8.07 7.29
N THR B 64 -27.39 5.36 9.00
CA THR B 64 -27.37 4.88 10.38
C THR B 64 -28.53 5.44 11.21
N VAL B 65 -28.70 6.76 11.19
CA VAL B 65 -29.76 7.40 11.97
C VAL B 65 -31.18 7.13 11.45
N LEU B 66 -31.28 6.45 10.32
CA LEU B 66 -32.58 6.15 9.73
C LEU B 66 -32.89 4.66 9.82
N THR B 67 -31.89 3.89 10.25
CA THR B 67 -32.00 2.44 10.38
C THR B 67 -33.10 2.00 11.35
N PRO B 68 -33.88 0.98 10.99
CA PRO B 68 -34.94 0.50 11.88
C PRO B 68 -34.36 0.29 13.28
N LEU B 69 -35.06 0.76 14.31
CA LEU B 69 -34.57 0.61 15.67
C LEU B 69 -34.70 -0.82 16.19
N THR B 70 -33.69 -1.27 16.93
CA THR B 70 -33.70 -2.61 17.48
C THR B 70 -34.01 -2.54 18.97
N GLU B 71 -34.38 -3.66 19.57
CA GLU B 71 -34.67 -3.68 20.98
C GLU B 71 -33.48 -3.10 21.74
N LYS B 72 -32.28 -3.44 21.29
CA LYS B 72 -31.07 -2.94 21.92
C LYS B 72 -31.02 -1.42 21.78
N ASP B 73 -31.35 -0.92 20.59
CA ASP B 73 -31.34 0.52 20.37
C ASP B 73 -32.27 1.18 21.39
N TYR B 74 -33.38 0.52 21.68
CA TYR B 74 -34.33 1.06 22.63
C TYR B 74 -33.76 1.21 24.04
N GLU B 75 -32.79 0.37 24.39
CA GLU B 75 -32.19 0.48 25.70
C GLU B 75 -31.56 1.87 25.77
N GLY B 76 -31.00 2.28 24.64
CA GLY B 76 -30.38 3.60 24.55
C GLY B 76 -31.38 4.74 24.61
N LEU B 77 -32.50 4.59 23.90
CA LEU B 77 -33.51 5.64 23.90
C LEU B 77 -34.09 5.79 25.31
N LYS B 78 -34.29 4.66 26.00
CA LYS B 78 -34.83 4.70 27.35
C LYS B 78 -33.88 5.46 28.25
N ARG B 79 -32.59 5.16 28.13
CA ARG B 79 -31.57 5.84 28.94
C ARG B 79 -31.59 7.34 28.74
N VAL B 80 -31.56 7.76 27.48
CA VAL B 80 -31.57 9.19 27.16
C VAL B 80 -32.84 9.86 27.68
N LEU B 81 -33.98 9.21 27.49
CA LEU B 81 -35.23 9.77 27.96
C LEU B 81 -35.21 9.92 29.48
N ARG B 82 -34.74 8.88 30.17
CA ARG B 82 -34.65 8.93 31.63
C ARG B 82 -33.72 10.02 32.11
N SER B 83 -32.64 10.27 31.38
CA SER B 83 -31.69 11.31 31.77
C SER B 83 -32.34 12.69 31.70
N LEU B 84 -33.16 12.91 30.66
CA LEU B 84 -33.85 14.20 30.53
C LEU B 84 -34.88 14.34 31.65
N GLN B 85 -35.65 13.29 31.88
CA GLN B 85 -36.68 13.33 32.91
C GLN B 85 -36.08 13.55 34.29
N ALA B 86 -34.83 13.14 34.48
CA ALA B 86 -34.18 13.30 35.78
C ALA B 86 -33.48 14.65 35.93
N HIS B 87 -33.29 15.35 34.81
CA HIS B 87 -32.61 16.64 34.82
C HIS B 87 -33.36 17.62 35.73
N LYS B 88 -32.62 18.30 36.60
CA LYS B 88 -33.21 19.24 37.55
C LYS B 88 -34.06 20.35 36.93
N ALA B 90 -35.70 20.09 34.04
CA ALA B 90 -36.68 19.51 33.13
C ALA B 90 -38.11 19.44 33.66
N TRP B 91 -38.31 19.87 34.90
CA TRP B 91 -39.64 19.78 35.50
C TRP B 91 -40.80 20.39 34.70
N PRO B 92 -40.55 21.46 33.93
CA PRO B 92 -41.71 21.99 33.19
C PRO B 92 -42.16 21.16 31.97
N PHE B 93 -41.36 20.17 31.58
CA PHE B 93 -41.69 19.36 30.41
C PHE B 93 -42.00 17.89 30.73
N LEU B 94 -42.06 17.54 32.01
CA LEU B 94 -42.33 16.17 32.41
C LEU B 94 -43.73 15.70 32.03
N GLU B 95 -44.69 16.62 32.11
CA GLU B 95 -46.08 16.32 31.79
C GLU B 95 -46.61 17.36 30.82
N PRO B 96 -47.76 17.09 30.19
CA PRO B 96 -48.34 18.04 29.24
C PRO B 96 -48.56 19.40 29.91
N VAL B 97 -48.43 20.47 29.13
CA VAL B 97 -48.62 21.81 29.64
C VAL B 97 -50.04 21.93 30.21
N ASP B 98 -50.15 22.55 31.38
CA ASP B 98 -51.45 22.74 32.02
C ASP B 98 -52.00 24.13 31.67
N PRO B 99 -53.17 24.19 31.02
CA PRO B 99 -53.82 25.44 30.62
C PRO B 99 -53.85 26.50 31.71
N ASN B 100 -53.97 26.08 32.95
CA ASN B 100 -54.01 27.02 34.08
C ASN B 100 -52.75 27.88 34.10
N ASP B 101 -51.66 27.34 33.60
CA ASP B 101 -50.39 28.07 33.56
C ASP B 101 -50.23 28.90 32.29
N ALA B 102 -51.03 28.58 31.28
CA ALA B 102 -50.99 29.28 29.99
C ALA B 102 -52.27 28.96 29.22
N PRO B 103 -53.33 29.74 29.45
CA PRO B 103 -54.66 29.62 28.83
C PRO B 103 -54.70 29.53 27.31
N ASP B 104 -53.82 30.26 26.63
CA ASP B 104 -53.80 30.27 25.17
C ASP B 104 -52.88 29.22 24.54
N TYR B 105 -52.05 28.59 25.38
CA TYR B 105 -51.09 27.60 24.91
C TYR B 105 -51.59 26.65 23.82
N TYR B 106 -52.55 25.81 24.15
CA TYR B 106 -53.05 24.84 23.18
C TYR B 106 -53.71 25.42 21.94
N GLY B 107 -53.81 26.74 21.92
CA GLY B 107 -54.37 27.42 20.76
C GLY B 107 -53.23 27.88 19.90
N VAL B 108 -52.10 28.16 20.54
CA VAL B 108 -50.89 28.61 19.84
C VAL B 108 -50.02 27.44 19.40
N ILE B 109 -49.89 26.43 20.27
CA ILE B 109 -49.07 25.26 19.96
C ILE B 109 -49.97 24.18 19.38
N LYS B 110 -49.76 23.88 18.10
CA LYS B 110 -50.57 22.90 17.40
C LYS B 110 -50.11 21.46 17.59
N GLU B 111 -48.81 21.27 17.85
CA GLU B 111 -48.27 19.93 18.05
C GLU B 111 -47.53 19.82 19.37
N PRO B 112 -48.26 19.83 20.50
CA PRO B 112 -47.65 19.72 21.82
C PRO B 112 -46.97 18.37 22.05
N ASP B 114 -44.48 16.23 25.31
CA ASP B 114 -43.95 16.25 26.66
C ASP B 114 -43.23 14.93 26.92
N LEU B 115 -42.44 14.88 27.98
CA LEU B 115 -41.69 13.67 28.29
C LEU B 115 -42.54 12.47 28.71
N ALA B 116 -43.69 12.71 29.32
CA ALA B 116 -44.55 11.61 29.74
C ALA B 116 -45.09 10.92 28.49
N THR B 117 -45.50 11.71 27.51
CA THR B 117 -46.02 11.18 26.26
C THR B 117 -44.93 10.42 25.50
N GLU B 119 -42.50 8.89 26.84
CA GLU B 119 -42.30 7.65 27.60
C GLU B 119 -43.34 6.61 27.17
N GLU B 120 -44.58 7.05 26.97
CA GLU B 120 -45.66 6.17 26.52
C GLU B 120 -45.28 5.57 25.18
N ARG B 121 -44.89 6.45 24.26
CA ARG B 121 -44.50 6.05 22.92
C ARG B 121 -43.29 5.13 22.91
N VAL B 122 -42.33 5.38 23.81
CA VAL B 122 -41.16 4.51 23.89
C VAL B 122 -41.58 3.13 24.37
N GLN B 123 -42.47 3.10 25.36
CA GLN B 123 -42.95 1.84 25.92
C GLN B 123 -43.63 0.97 24.87
N ARG B 124 -44.45 1.57 24.03
CA ARG B 124 -45.13 0.79 23.00
C ARG B 124 -44.32 0.73 21.70
N ARG B 125 -43.05 1.11 21.79
CA ARG B 125 -42.15 1.07 20.64
C ARG B 125 -42.72 1.81 19.43
N TYR B 126 -43.25 2.99 19.69
CA TYR B 126 -43.85 3.82 18.64
C TYR B 126 -42.81 4.33 17.62
N TYR B 127 -41.58 4.56 18.06
CA TYR B 127 -40.54 5.05 17.16
C TYR B 127 -39.91 3.93 16.34
N GLU B 128 -39.73 4.18 15.05
CA GLU B 128 -39.14 3.18 14.17
C GLU B 128 -37.72 3.55 13.74
N LYS B 129 -37.36 4.83 13.91
CA LYS B 129 -36.04 5.33 13.56
C LYS B 129 -35.59 6.33 14.62
N LEU B 130 -34.27 6.43 14.82
CA LEU B 130 -33.73 7.37 15.80
C LEU B 130 -34.20 8.79 15.50
N THR B 131 -34.32 9.10 14.21
CA THR B 131 -34.74 10.41 13.75
C THR B 131 -36.10 10.84 14.33
N GLU B 132 -37.03 9.89 14.40
CA GLU B 132 -38.37 10.19 14.90
C GLU B 132 -38.35 10.51 16.40
N PHE B 133 -37.56 9.76 17.16
CA PHE B 133 -37.41 9.97 18.59
C PHE B 133 -36.84 11.37 18.79
N VAL B 134 -35.79 11.70 18.03
CA VAL B 134 -35.18 13.02 18.13
C VAL B 134 -36.17 14.12 17.74
N ALA B 135 -37.03 13.83 16.77
CA ALA B 135 -38.01 14.82 16.33
C ALA B 135 -38.97 15.18 17.47
N ASP B 136 -39.44 14.17 18.20
CA ASP B 136 -40.35 14.42 19.30
C ASP B 136 -39.69 15.26 20.39
N THR B 138 -37.15 17.32 20.09
CA THR B 138 -36.92 18.65 19.53
C THR B 138 -38.21 19.45 19.56
N LYS B 139 -39.33 18.76 19.37
CA LYS B 139 -40.64 19.40 19.38
C LYS B 139 -40.92 20.02 20.74
N ILE B 140 -40.51 19.32 21.80
CA ILE B 140 -40.71 19.83 23.15
C ILE B 140 -39.97 21.17 23.29
N PHE B 141 -38.72 21.21 22.85
CA PHE B 141 -37.92 22.42 22.96
C PHE B 141 -38.39 23.52 22.02
N ASP B 142 -38.76 23.16 20.79
CA ASP B 142 -39.22 24.17 19.84
C ASP B 142 -40.53 24.80 20.29
N ASN B 143 -41.46 23.99 20.80
CA ASN B 143 -42.73 24.54 21.28
C ASN B 143 -42.48 25.54 22.40
N CYS B 144 -41.55 25.22 23.27
CA CYS B 144 -41.26 26.12 24.38
C CYS B 144 -40.71 27.45 23.88
N ARG B 145 -39.69 27.38 23.02
CA ARG B 145 -39.09 28.59 22.48
C ARG B 145 -40.05 29.39 21.61
N TYR B 146 -41.04 28.72 21.04
CA TYR B 146 -42.01 29.40 20.18
C TYR B 146 -43.04 30.14 21.01
N TYR B 147 -43.56 29.47 22.02
CA TYR B 147 -44.56 30.06 22.89
C TYR B 147 -44.02 31.16 23.79
N ASN B 148 -42.84 30.94 24.37
CA ASN B 148 -42.23 31.93 25.27
C ASN B 148 -41.22 32.85 24.58
N PRO B 149 -41.09 34.09 25.09
CA PRO B 149 -40.15 35.06 24.51
C PRO B 149 -38.73 34.60 24.83
N SER B 150 -37.75 35.03 24.02
CA SER B 150 -36.37 34.62 24.22
C SER B 150 -35.79 35.02 25.58
N ASP B 151 -36.36 36.05 26.19
CA ASP B 151 -35.87 36.52 27.48
C ASP B 151 -36.53 35.77 28.64
N SER B 152 -37.37 34.79 28.31
CA SER B 152 -38.05 34.01 29.34
C SER B 152 -37.15 32.88 29.83
N PRO B 153 -37.15 32.64 31.16
CA PRO B 153 -36.33 31.59 31.76
C PRO B 153 -36.65 30.22 31.17
N PHE B 154 -37.91 30.04 30.75
CA PHE B 154 -38.35 28.79 30.15
C PHE B 154 -37.75 28.62 28.75
N TYR B 155 -37.69 29.71 28.01
CA TYR B 155 -37.11 29.68 26.67
C TYR B 155 -35.65 29.29 26.83
N GLN B 156 -34.99 29.93 27.80
CA GLN B 156 -33.58 29.65 28.08
C GLN B 156 -33.38 28.22 28.55
N CYS B 157 -34.31 27.73 29.37
CA CYS B 157 -34.21 26.36 29.88
C CYS B 157 -34.22 25.38 28.69
N ALA B 158 -35.11 25.65 27.73
CA ALA B 158 -35.23 24.81 26.54
C ALA B 158 -33.87 24.75 25.85
N GLU B 159 -33.21 25.90 25.78
CA GLU B 159 -31.89 25.99 25.14
C GLU B 159 -30.91 25.06 25.85
N VAL B 160 -30.85 25.18 27.17
CA VAL B 160 -29.94 24.37 27.98
C VAL B 160 -30.23 22.88 27.84
N LEU B 161 -31.50 22.51 28.01
CA LEU B 161 -31.89 21.10 27.92
C LEU B 161 -31.60 20.49 26.56
N GLU B 162 -31.77 21.25 25.49
CA GLU B 162 -31.49 20.70 24.17
C GLU B 162 -30.00 20.40 23.99
N SER B 163 -29.16 21.25 24.55
CA SER B 163 -27.71 21.05 24.47
C SER B 163 -27.34 19.82 25.29
N PHE B 164 -28.07 19.59 26.36
CA PHE B 164 -27.85 18.42 27.22
C PHE B 164 -28.28 17.17 26.45
N PHE B 165 -29.38 17.31 25.72
CA PHE B 165 -29.93 16.22 24.91
C PHE B 165 -28.96 15.82 23.80
N VAL B 166 -28.48 16.82 23.07
CA VAL B 166 -27.52 16.58 21.99
C VAL B 166 -26.29 15.85 22.53
N GLN B 167 -25.86 16.25 23.72
CA GLN B 167 -24.70 15.63 24.33
C GLN B 167 -24.97 14.17 24.68
N LYS B 168 -26.14 13.90 25.24
CA LYS B 168 -26.50 12.53 25.60
C LYS B 168 -26.62 11.64 24.37
N LEU B 169 -27.00 12.23 23.25
CA LEU B 169 -27.15 11.47 21.99
C LEU B 169 -25.79 11.12 21.39
N LYS B 170 -24.82 12.02 21.52
CA LYS B 170 -23.48 11.81 20.99
C LYS B 170 -22.88 10.51 21.49
#